data_4XL5
#
_entry.id   4XL5
#
_cell.length_a   72.280
_cell.length_b   45.980
_cell.length_c   74.890
_cell.angle_alpha   90.00
_cell.angle_beta   90.76
_cell.angle_gamma   90.00
#
_symmetry.space_group_name_H-M   'P 1 21 1'
#
loop_
_entity.id
_entity.type
_entity.pdbx_description
1 polymer 'Green fluorescent protein'
2 polymer bGFP-A
3 water water
#
loop_
_entity_poly.entity_id
_entity_poly.type
_entity_poly.pdbx_seq_one_letter_code
_entity_poly.pdbx_strand_id
1 'polypeptide(L)'
;MRGSHHHHHHTDPHASSAGSPVSKGEELFTGVVPILVELDGDVNGHKFSVSGEGEGDATYGKLTLKFICTTGKLPVPWPT
LVTTL(CRO)VQCFSRYPDHMKQHDFFKSAMPEGYVQERTIFFKDDGNYKTRAEVKFEGDTLVNRIELKGIDFKEDGNIL
GHKLEYNYNSHNVYIMADKQKNGIKVNFKIRHNIEDGSVQLADHYQQNTPIGDGPVLLPDNHYLSTQSALSKDPNEKRDH
MVLLEFVTAAGITLGMDELYKGSGASEQKLISEEDL
;
A
2 'polypeptide(L)'
;MRGSHHHHHHTDPEKVEMYIKNLQDDSPPVRVYAAFALGKIGDERAVEPLIKALKDEDASVRYAAATALGQIGDERAVEP
LIKALKDEDGYVRTAAAEALGQIGDERAVEPLIKALKDEDPWVRLTAARALGEIGDERAVEPLIKALKDEDPWVRLTAAR
ALGQIGDERAVEPLIKALKDEDASVRKAAAVALGQIGDERAVEPLIKALKDEDEYVRQRAASALGKIGGERVRAAMEKLA
EPAPGFARKVAVNYLETHKSLIS
;
C
#
# COMPACT_ATOMS: atom_id res chain seq x y z
N LYS A 24 2.51 27.57 21.90
CA LYS A 24 1.41 27.15 20.99
C LYS A 24 1.78 25.85 20.29
N GLY A 25 2.81 25.87 19.45
CA GLY A 25 2.97 24.89 18.37
C GLY A 25 2.55 23.50 18.77
N GLU A 26 3.38 22.82 19.56
CA GLU A 26 3.10 21.44 19.88
C GLU A 26 1.87 21.30 20.74
N GLU A 27 1.52 22.39 21.42
CA GLU A 27 0.35 22.40 22.31
C GLU A 27 -0.93 22.01 21.58
N LEU A 28 -1.09 22.49 20.36
CA LEU A 28 -2.27 22.19 19.57
C LEU A 28 -2.43 20.69 19.24
N PHE A 29 -1.42 19.87 19.53
CA PHE A 29 -1.37 18.46 19.04
C PHE A 29 -1.48 17.42 20.12
N THR A 30 -1.88 17.82 21.32
CA THR A 30 -1.77 16.94 22.47
C THR A 30 -2.81 15.81 22.48
N GLY A 31 -3.92 16.01 21.77
CA GLY A 31 -4.91 14.95 21.62
C GLY A 31 -5.07 14.58 20.17
N VAL A 32 -6.23 14.00 19.85
CA VAL A 32 -6.63 13.65 18.49
C VAL A 32 -7.11 14.87 17.76
N VAL A 33 -6.47 15.22 16.64
CA VAL A 33 -6.86 16.38 15.88
C VAL A 33 -7.52 15.91 14.57
N PRO A 34 -8.66 16.52 14.19
CA PRO A 34 -9.25 16.19 12.91
C PRO A 34 -8.47 16.72 11.74
N ILE A 35 -8.52 15.99 10.61
CA ILE A 35 -7.77 16.37 9.42
C ILE A 35 -8.66 16.51 8.16
N LEU A 36 -8.36 17.51 7.32
CA LEU A 36 -8.93 17.56 5.98
C LEU A 36 -7.79 17.73 4.99
N VAL A 37 -7.95 17.09 3.84
CA VAL A 37 -6.97 17.13 2.77
C VAL A 37 -7.72 17.33 1.45
N GLU A 38 -7.18 18.23 0.62
CA GLU A 38 -7.76 18.63 -0.67
C GLU A 38 -6.61 18.69 -1.62
N LEU A 39 -6.73 17.99 -2.75
CA LEU A 39 -5.69 17.94 -3.77
C LEU A 39 -6.28 18.15 -5.16
N ASP A 40 -5.64 18.99 -5.97
CA ASP A 40 -6.05 19.19 -7.36
C ASP A 40 -4.84 18.89 -8.16
N GLY A 41 -5.00 17.97 -9.09
CA GLY A 41 -3.87 17.45 -9.82
C GLY A 41 -4.17 17.41 -11.29
N ASP A 42 -3.10 17.30 -12.05
CA ASP A 42 -3.14 17.25 -13.48
C ASP A 42 -1.87 16.56 -13.85
N VAL A 43 -2.03 15.35 -14.37
CA VAL A 43 -0.88 14.53 -14.73
C VAL A 43 -0.98 14.16 -16.20
N ASN A 44 -0.03 14.61 -17.03
CA ASN A 44 -0.07 14.34 -18.46
C ASN A 44 -1.44 14.75 -19.03
N GLY A 45 -1.97 15.84 -18.49
CA GLY A 45 -3.25 16.37 -18.92
C GLY A 45 -4.49 15.81 -18.27
N HIS A 46 -4.40 14.71 -17.55
CA HIS A 46 -5.59 14.19 -16.88
C HIS A 46 -5.78 14.92 -15.54
N LYS A 47 -6.81 15.75 -15.47
CA LYS A 47 -7.11 16.51 -14.27
C LYS A 47 -7.87 15.62 -13.32
N PHE A 48 -7.62 15.78 -12.02
CA PHE A 48 -8.43 15.07 -11.05
C PHE A 48 -8.41 15.87 -9.79
N SER A 49 -9.25 15.45 -8.84
CA SER A 49 -9.17 15.91 -7.45
C SER A 49 -9.47 14.81 -6.50
N VAL A 50 -8.94 15.01 -5.32
CA VAL A 50 -9.06 14.09 -4.21
C VAL A 50 -9.36 14.90 -2.99
N SER A 51 -10.32 14.44 -2.21
CA SER A 51 -10.65 14.94 -0.88
C SER A 51 -10.38 13.85 0.16
N GLY A 52 -9.67 14.22 1.23
CA GLY A 52 -9.44 13.35 2.37
C GLY A 52 -10.02 13.85 3.67
N GLU A 53 -10.48 12.93 4.51
CA GLU A 53 -10.89 13.27 5.85
C GLU A 53 -10.41 12.18 6.82
N GLY A 54 -10.11 12.56 8.04
CA GLY A 54 -9.69 11.61 9.07
C GLY A 54 -9.14 12.32 10.28
N GLU A 55 -8.21 11.67 10.99
CA GLU A 55 -7.63 12.30 12.19
C GLU A 55 -6.21 11.88 12.45
N GLY A 56 -5.55 12.67 13.28
CA GLY A 56 -4.16 12.43 13.64
C GLY A 56 -3.94 12.53 15.15
N ASP A 57 -3.01 11.70 15.64
CA ASP A 57 -2.67 11.63 17.07
C ASP A 57 -1.15 11.65 17.07
N ALA A 58 -0.60 12.84 17.18
CA ALA A 58 0.83 13.01 17.19
C ALA A 58 1.54 12.26 18.34
N THR A 59 0.84 11.99 19.43
CA THR A 59 1.48 11.27 20.53
C THR A 59 1.75 9.84 20.09
N TYR A 60 0.92 9.33 19.18
CA TYR A 60 1.22 8.01 18.58
C TYR A 60 1.86 8.09 17.24
N GLY A 61 2.15 9.29 16.75
CA GLY A 61 2.57 9.46 15.35
C GLY A 61 1.60 8.77 14.38
N LYS A 62 0.32 8.78 14.73
CA LYS A 62 -0.68 8.01 14.05
C LYS A 62 -1.68 8.84 13.21
N LEU A 63 -1.88 8.38 11.98
CA LEU A 63 -2.88 8.93 11.08
C LEU A 63 -3.84 7.87 10.66
N THR A 64 -5.10 8.23 10.68
CA THR A 64 -6.13 7.38 10.13
C THR A 64 -6.94 8.26 9.15
N LEU A 65 -6.90 7.97 7.84
CA LEU A 65 -7.58 8.79 6.83
C LEU A 65 -8.24 8.02 5.71
N LYS A 66 -9.30 8.62 5.13
CA LYS A 66 -9.91 8.15 3.89
C LYS A 66 -9.95 9.26 2.85
N PHE A 67 -9.56 8.91 1.61
CA PHE A 67 -9.42 9.76 0.48
C PHE A 67 -10.32 9.23 -0.63
N ILE A 68 -11.04 10.14 -1.27
CA ILE A 68 -11.85 9.78 -2.41
C ILE A 68 -11.46 10.66 -3.58
N CYS A 69 -11.44 10.07 -4.78
CA CYS A 69 -11.33 10.81 -6.00
C CYS A 69 -12.74 11.32 -6.30
N THR A 70 -12.91 12.63 -6.31
CA THR A 70 -14.18 13.22 -6.43
C THR A 70 -14.44 13.54 -7.90
N THR A 71 -13.52 13.25 -8.80
CA THR A 71 -13.74 13.52 -10.18
C THR A 71 -13.87 12.24 -11.03
N GLY A 72 -14.23 11.09 -10.42
CA GLY A 72 -14.28 9.78 -11.11
C GLY A 72 -13.12 8.85 -10.77
N LYS A 73 -12.50 8.27 -11.81
CA LYS A 73 -11.43 7.33 -11.62
C LYS A 73 -10.11 8.14 -11.51
N LEU A 74 -9.22 7.65 -10.67
CA LEU A 74 -8.00 8.32 -10.42
C LEU A 74 -7.09 7.89 -11.56
N PRO A 75 -6.47 8.85 -12.18
CA PRO A 75 -5.66 8.52 -13.34
C PRO A 75 -4.25 8.05 -13.03
N VAL A 76 -3.89 8.03 -11.75
CA VAL A 76 -2.65 7.41 -11.28
C VAL A 76 -2.91 6.45 -10.15
N PRO A 77 -1.94 5.59 -9.85
CA PRO A 77 -2.21 4.69 -8.75
C PRO A 77 -2.22 5.42 -7.38
N TRP A 78 -3.10 5.00 -6.51
CA TRP A 78 -3.22 5.67 -5.22
C TRP A 78 -1.89 5.74 -4.46
N PRO A 79 -1.03 4.67 -4.51
CA PRO A 79 0.21 4.77 -3.73
C PRO A 79 1.14 5.92 -4.18
N THR A 80 1.03 6.35 -5.44
CA THR A 80 1.91 7.41 -5.93
C THR A 80 1.61 8.74 -5.27
N LEU A 81 0.45 8.83 -4.59
CA LEU A 81 0.00 10.05 -3.96
C LEU A 81 0.04 10.06 -2.45
N VAL A 82 0.47 8.96 -1.84
CA VAL A 82 0.47 8.93 -0.41
C VAL A 82 1.35 10.06 0.17
N THR A 83 2.56 10.27 -0.34
CA THR A 83 3.44 11.28 0.31
C THR A 83 2.96 12.72 0.14
N THR A 84 2.20 12.96 -0.94
CA THR A 84 1.67 14.27 -1.26
C THR A 84 0.50 14.55 -0.33
N LEU A 85 -0.40 13.60 -0.25
CA LEU A 85 -1.51 13.67 0.66
C LEU A 85 -1.10 13.68 2.13
N1 CRO A 86 -0.22 12.78 2.72
CA1 CRO A 86 0.29 12.75 4.11
CB1 CRO A 86 -0.01 11.43 4.81
CG1 CRO A 86 -1.51 11.22 4.91
OG1 CRO A 86 0.46 10.33 4.01
C1 CRO A 86 1.74 12.98 4.03
N2 CRO A 86 2.66 11.98 4.03
N3 CRO A 86 2.32 14.23 3.87
C2 CRO A 86 3.62 13.99 3.76
O2 CRO A 86 4.55 14.85 3.67
CA2 CRO A 86 3.86 12.55 3.86
CA3 CRO A 86 1.64 15.47 3.74
C3 CRO A 86 1.64 16.35 4.96
O3 CRO A 86 1.22 17.48 4.73
CB2 CRO A 86 5.19 11.86 3.85
CG2 CRO A 86 5.47 10.41 3.89
CD1 CRO A 86 4.53 9.38 4.06
CD2 CRO A 86 6.80 10.04 3.70
CE1 CRO A 86 4.96 8.03 4.07
CE2 CRO A 86 7.23 8.72 3.68
CZ CRO A 86 6.30 7.69 3.87
OH CRO A 86 6.74 6.40 3.90
N VAL A 87 1.10 15.60 6.02
CA VAL A 87 0.86 16.24 7.32
C VAL A 87 1.95 15.78 8.33
N GLN A 88 3.19 16.09 8.03
CA GLN A 88 4.30 15.61 8.85
C GLN A 88 4.37 16.23 10.25
N CYS A 89 3.48 17.20 10.52
CA CYS A 89 3.21 17.70 11.86
C CYS A 89 2.60 16.67 12.78
N PHE A 90 2.09 15.57 12.25
CA PHE A 90 1.60 14.50 13.11
C PHE A 90 2.64 13.41 13.39
N SER A 91 3.89 13.61 12.95
CA SER A 91 4.95 12.69 13.31
C SER A 91 5.13 12.74 14.85
N ARG A 92 5.51 11.62 15.45
CA ARG A 92 5.88 11.61 16.85
C ARG A 92 7.33 12.08 16.98
N TYR A 93 7.53 13.20 17.64
CA TYR A 93 8.88 13.53 18.14
C TYR A 93 9.01 13.02 19.59
N PRO A 94 10.02 12.19 19.85
CA PRO A 94 10.27 11.84 21.23
C PRO A 94 10.71 13.04 22.08
N ASP A 95 10.48 12.96 23.39
CA ASP A 95 10.77 14.03 24.37
C ASP A 95 12.11 14.74 24.18
N HIS A 96 13.16 13.95 24.07
CA HIS A 96 14.47 14.54 23.85
C HIS A 96 14.65 15.23 22.51
N MET A 97 13.71 15.09 21.57
CA MET A 97 13.86 15.61 20.21
C MET A 97 12.92 16.78 19.92
N LYS A 98 12.14 17.18 20.89
CA LYS A 98 11.16 18.22 20.69
C LYS A 98 11.69 19.55 20.13
N GLN A 99 12.99 19.79 20.17
CA GLN A 99 13.52 21.06 19.73
C GLN A 99 13.88 20.95 18.27
N HIS A 100 13.53 19.83 17.67
CA HIS A 100 13.80 19.61 16.28
C HIS A 100 12.51 19.51 15.43
N ASP A 101 11.35 19.71 16.07
CA ASP A 101 10.05 19.61 15.40
C ASP A 101 9.66 20.91 14.73
N PHE A 102 10.20 21.17 13.56
CA PHE A 102 9.81 22.32 12.81
C PHE A 102 8.29 22.40 12.51
N PHE A 103 7.70 21.23 12.21
CA PHE A 103 6.35 21.13 11.68
C PHE A 103 5.37 21.69 12.65
N LYS A 104 5.38 21.19 13.88
CA LYS A 104 4.41 21.68 14.86
C LYS A 104 4.73 23.13 15.23
N SER A 105 6.01 23.50 15.21
CA SER A 105 6.41 24.85 15.67
C SER A 105 5.81 25.95 14.78
N ALA A 106 5.68 25.66 13.50
CA ALA A 106 5.03 26.59 12.54
C ALA A 106 3.53 26.80 12.74
N MET A 107 2.87 25.96 13.54
CA MET A 107 1.46 26.05 13.67
C MET A 107 1.14 27.18 14.66
N PRO A 108 -0.03 27.82 14.51
CA PRO A 108 -1.17 27.37 13.68
C PRO A 108 -1.22 27.94 12.30
N GLU A 109 -0.39 28.96 12.06
CA GLU A 109 -0.30 29.62 10.76
C GLU A 109 0.24 28.69 9.66
N GLY A 110 1.01 27.68 10.07
CA GLY A 110 1.36 26.54 9.22
C GLY A 110 2.50 26.83 8.31
N TYR A 111 2.68 25.99 7.28
CA TYR A 111 3.83 26.06 6.42
C TYR A 111 3.50 25.67 4.99
N VAL A 112 4.37 26.07 4.10
CA VAL A 112 4.33 25.66 2.74
C VAL A 112 5.27 24.48 2.57
N GLN A 113 4.81 23.45 1.85
CA GLN A 113 5.61 22.24 1.52
C GLN A 113 5.68 22.11 0.02
N GLU A 114 6.86 21.95 -0.55
CA GLU A 114 6.99 21.85 -1.96
C GLU A 114 7.83 20.68 -2.26
N ARG A 115 7.49 19.89 -3.29
CA ARG A 115 8.31 18.77 -3.71
C ARG A 115 8.43 18.76 -5.16
N THR A 116 9.50 18.12 -5.59
CA THR A 116 9.56 17.47 -6.88
C THR A 116 9.80 15.99 -6.61
N ILE A 117 9.12 15.13 -7.36
CA ILE A 117 9.21 13.71 -7.17
C ILE A 117 9.57 13.09 -8.50
N PHE A 118 10.71 12.43 -8.57
CA PHE A 118 11.13 11.83 -9.83
C PHE A 118 10.90 10.33 -9.82
N PHE A 119 9.95 9.86 -10.62
CA PHE A 119 9.76 8.42 -10.82
C PHE A 119 10.83 7.88 -11.78
N LYS A 120 11.71 7.04 -11.26
CA LYS A 120 12.84 6.56 -12.02
C LYS A 120 12.36 6.03 -13.37
N ASP A 121 13.04 6.46 -14.42
CA ASP A 121 12.71 6.07 -15.80
C ASP A 121 11.28 6.43 -16.20
N ASP A 122 10.75 7.51 -15.63
CA ASP A 122 9.43 7.95 -15.98
C ASP A 122 9.25 9.41 -15.62
N GLY A 123 8.02 9.89 -15.51
CA GLY A 123 7.72 11.30 -15.32
C GLY A 123 8.05 11.77 -13.92
N ASN A 124 7.57 12.97 -13.62
CA ASN A 124 7.78 13.55 -12.28
C ASN A 124 6.57 14.34 -11.89
N TYR A 125 6.36 14.48 -10.57
CA TYR A 125 5.35 15.34 -10.00
C TYR A 125 6.08 16.52 -9.37
N LYS A 126 5.46 17.70 -9.43
CA LYS A 126 5.88 18.89 -8.69
C LYS A 126 4.66 19.27 -7.90
N THR A 127 4.83 19.62 -6.63
CA THR A 127 3.66 19.87 -5.79
C THR A 127 3.87 21.06 -4.87
N ARG A 128 2.80 21.74 -4.52
CA ARG A 128 2.91 22.81 -3.57
C ARG A 128 1.70 22.72 -2.68
N ALA A 129 1.87 22.80 -1.38
CA ALA A 129 0.79 22.68 -0.42
C ALA A 129 0.96 23.63 0.69
N GLU A 130 -0.17 23.92 1.33
CA GLU A 130 -0.22 24.63 2.57
C GLU A 130 -0.86 23.75 3.60
N VAL A 131 -0.15 23.63 4.73
CA VAL A 131 -0.62 22.91 5.89
C VAL A 131 -0.82 23.85 7.08
N LYS A 132 -2.07 23.95 7.55
CA LYS A 132 -2.34 24.91 8.60
C LYS A 132 -3.62 24.55 9.25
N PHE A 133 -3.86 25.17 10.41
CA PHE A 133 -5.14 25.01 11.06
C PHE A 133 -6.13 25.94 10.41
N GLU A 134 -7.32 25.44 10.18
CA GLU A 134 -8.44 26.25 9.72
C GLU A 134 -9.48 25.87 10.75
N GLY A 135 -9.65 26.73 11.75
CA GLY A 135 -10.49 26.40 12.86
C GLY A 135 -9.72 25.39 13.67
N ASP A 136 -10.43 24.46 14.28
CA ASP A 136 -9.85 23.37 15.03
C ASP A 136 -9.29 22.23 14.15
N THR A 137 -9.19 22.46 12.85
CA THR A 137 -8.90 21.37 11.91
C THR A 137 -7.60 21.61 11.22
N LEU A 138 -6.75 20.58 11.19
CA LEU A 138 -5.50 20.65 10.44
C LEU A 138 -5.83 20.28 9.02
N VAL A 139 -5.49 21.19 8.10
CA VAL A 139 -5.89 21.11 6.70
C VAL A 139 -4.68 21.21 5.79
N ASN A 140 -4.59 20.22 4.90
CA ASN A 140 -3.57 20.15 3.91
C ASN A 140 -4.25 20.43 2.56
N ARG A 141 -3.85 21.50 1.88
CA ARG A 141 -4.36 21.89 0.57
C ARG A 141 -3.22 21.83 -0.42
N ILE A 142 -3.40 21.11 -1.53
CA ILE A 142 -2.33 20.83 -2.44
C ILE A 142 -2.73 21.03 -3.89
N GLU A 143 -1.74 21.40 -4.71
CA GLU A 143 -1.83 21.42 -6.16
C GLU A 143 -0.68 20.61 -6.69
N LEU A 144 -0.95 19.77 -7.66
CA LEU A 144 0.05 18.85 -8.17
C LEU A 144 0.04 18.88 -9.68
N LYS A 145 1.24 18.97 -10.25
CA LYS A 145 1.42 18.91 -11.65
C LYS A 145 2.44 17.84 -11.94
N GLY A 146 2.13 16.95 -12.86
CA GLY A 146 3.08 15.96 -13.29
C GLY A 146 3.14 15.90 -14.80
N ILE A 147 4.34 15.65 -15.34
CA ILE A 147 4.53 15.54 -16.80
C ILE A 147 5.58 14.54 -17.19
N ASP A 148 5.55 14.22 -18.47
CA ASP A 148 6.51 13.34 -19.12
C ASP A 148 6.32 11.95 -18.64
N PHE A 149 5.11 11.61 -18.17
CA PHE A 149 4.88 10.21 -17.82
C PHE A 149 4.70 9.36 -19.06
N LYS A 150 5.11 8.10 -18.97
CA LYS A 150 4.99 7.14 -20.04
C LYS A 150 3.60 6.56 -20.07
N GLU A 151 2.95 6.62 -21.21
CA GLU A 151 1.55 6.23 -21.27
C GLU A 151 1.33 4.80 -20.75
N ASP A 152 2.16 3.85 -21.15
CA ASP A 152 2.07 2.48 -20.64
C ASP A 152 3.19 2.18 -19.66
N GLY A 153 3.65 3.19 -18.93
CA GLY A 153 4.60 2.98 -17.83
C GLY A 153 3.92 2.44 -16.59
N ASN A 154 4.65 2.35 -15.49
CA ASN A 154 4.08 1.81 -14.28
C ASN A 154 3.01 2.65 -13.67
N ILE A 155 3.11 3.95 -13.89
CA ILE A 155 2.24 4.88 -13.24
C ILE A 155 0.92 4.92 -14.03
N LEU A 156 0.99 5.40 -15.25
CA LEU A 156 -0.19 5.63 -16.06
C LEU A 156 -0.77 4.31 -16.54
N GLY A 157 0.02 3.25 -16.56
CA GLY A 157 -0.43 1.90 -16.95
C GLY A 157 -0.87 1.07 -15.75
N HIS A 158 -0.98 1.75 -14.61
CA HIS A 158 -1.43 1.17 -13.36
C HIS A 158 -0.78 -0.15 -13.01
N LYS A 159 0.54 -0.20 -12.89
CA LYS A 159 1.21 -1.49 -12.59
C LYS A 159 1.74 -1.62 -11.18
N LEU A 160 1.46 -0.63 -10.34
CA LEU A 160 1.88 -0.64 -8.97
C LEU A 160 0.97 -1.49 -8.09
N GLU A 161 1.52 -2.23 -7.16
CA GLU A 161 0.71 -2.97 -6.16
C GLU A 161 0.09 -2.01 -5.16
N TYR A 162 -0.99 -2.44 -4.49
CA TYR A 162 -1.78 -1.60 -3.61
C TYR A 162 -1.26 -1.90 -2.23
N ASN A 163 -0.06 -1.40 -2.03
CA ASN A 163 0.63 -1.53 -0.76
C ASN A 163 1.69 -0.44 -0.63
N TYR A 164 2.45 -0.45 0.44
CA TYR A 164 3.30 0.69 0.81
C TYR A 164 4.43 0.27 1.73
N ASN A 165 5.62 0.80 1.47
CA ASN A 165 6.78 0.40 2.21
C ASN A 165 7.03 1.38 3.31
N SER A 166 8.00 0.98 4.14
CA SER A 166 8.62 1.71 5.24
C SER A 166 9.87 2.44 4.83
N HIS A 167 10.00 3.72 5.22
CA HIS A 167 11.06 4.57 4.66
C HIS A 167 11.65 5.40 5.76
N ASN A 168 12.73 6.08 5.41
CA ASN A 168 13.36 7.05 6.28
C ASN A 168 13.34 8.39 5.57
N VAL A 169 12.84 9.40 6.25
CA VAL A 169 12.71 10.72 5.70
C VAL A 169 13.75 11.65 6.32
N TYR A 170 14.74 12.07 5.53
CA TYR A 170 15.91 12.84 6.05
C TYR A 170 15.64 14.34 6.02
N ILE A 171 15.81 14.95 7.18
CA ILE A 171 15.45 16.33 7.39
C ILE A 171 16.68 17.11 7.81
N MET A 172 16.84 18.30 7.25
CA MET A 172 17.92 19.19 7.63
C MET A 172 17.40 20.63 7.70
N ALA A 173 17.97 21.47 8.58
CA ALA A 173 17.69 22.90 8.54
C ALA A 173 18.09 23.55 7.22
N ASP A 174 17.24 24.46 6.76
CA ASP A 174 17.54 25.29 5.63
C ASP A 174 18.47 26.43 6.09
N LYS A 175 19.71 26.33 5.64
CA LYS A 175 20.78 27.26 6.02
C LYS A 175 20.38 28.73 5.79
N GLN A 176 19.65 28.99 4.71
CA GLN A 176 19.36 30.35 4.23
C GLN A 176 18.16 30.93 4.93
N LYS A 177 17.04 30.23 4.88
CA LYS A 177 15.78 30.74 5.39
C LYS A 177 15.29 29.93 6.58
N ASN A 178 14.34 30.49 7.33
CA ASN A 178 13.60 29.73 8.29
C ASN A 178 12.86 28.67 7.49
N GLY A 179 13.31 27.44 7.62
CA GLY A 179 12.68 26.32 6.93
C GLY A 179 13.61 25.13 6.94
N ILE A 180 13.15 24.06 6.30
CA ILE A 180 13.89 22.81 6.24
C ILE A 180 13.93 22.27 4.84
N LYS A 181 14.97 21.49 4.58
CA LYS A 181 15.12 20.70 3.39
C LYS A 181 14.93 19.24 3.80
N VAL A 182 14.36 18.44 2.91
CA VAL A 182 13.97 17.09 3.26
C VAL A 182 14.17 16.24 2.05
N ASN A 183 14.70 15.03 2.24
CA ASN A 183 14.96 14.17 1.10
C ASN A 183 14.76 12.71 1.40
N PHE A 184 14.21 11.95 0.46
CA PHE A 184 14.06 10.49 0.66
C PHE A 184 13.72 9.79 -0.64
N LYS A 185 13.79 8.46 -0.64
CA LYS A 185 13.34 7.69 -1.80
C LYS A 185 12.20 6.78 -1.40
N ILE A 186 11.07 6.88 -2.09
CA ILE A 186 9.94 6.02 -1.83
C ILE A 186 10.14 4.83 -2.72
N ARG A 187 9.99 3.63 -2.16
CA ARG A 187 10.01 2.36 -2.93
C ARG A 187 8.55 1.84 -3.20
N HIS A 188 8.14 1.81 -4.49
CA HIS A 188 6.85 1.39 -4.90
C HIS A 188 6.91 -0.02 -5.51
N ASN A 189 6.25 -0.99 -4.87
CA ASN A 189 6.18 -2.32 -5.40
C ASN A 189 5.41 -2.40 -6.71
N ILE A 190 6.02 -3.06 -7.68
CA ILE A 190 5.43 -3.30 -8.97
C ILE A 190 4.90 -4.74 -9.00
N GLU A 191 3.83 -4.96 -9.70
CA GLU A 191 3.15 -6.25 -9.61
C GLU A 191 3.91 -7.43 -10.20
N ASP A 192 4.90 -7.18 -11.03
CA ASP A 192 5.74 -8.27 -11.58
C ASP A 192 6.83 -8.72 -10.62
N GLY A 193 6.93 -8.06 -9.45
CA GLY A 193 7.92 -8.39 -8.43
C GLY A 193 9.14 -7.47 -8.43
N SER A 194 9.20 -6.48 -9.30
CA SER A 194 10.27 -5.46 -9.22
C SER A 194 9.81 -4.26 -8.39
N VAL A 195 10.69 -3.24 -8.26
CA VAL A 195 10.44 -2.07 -7.42
C VAL A 195 10.71 -0.82 -8.23
N GLN A 196 9.75 0.11 -8.16
CA GLN A 196 9.88 1.46 -8.74
C GLN A 196 10.21 2.52 -7.66
N LEU A 197 11.24 3.31 -7.95
CA LEU A 197 11.71 4.31 -7.01
C LEU A 197 11.17 5.69 -7.32
N ALA A 198 10.83 6.44 -6.28
CA ALA A 198 10.33 7.80 -6.43
C ALA A 198 11.20 8.67 -5.53
N ASP A 199 12.13 9.43 -6.13
CA ASP A 199 13.05 10.33 -5.38
C ASP A 199 12.36 11.62 -5.01
N HIS A 200 12.24 11.87 -3.71
CA HIS A 200 11.55 13.04 -3.21
C HIS A 200 12.53 14.10 -2.77
N TYR A 201 12.32 15.32 -3.23
CA TYR A 201 13.10 16.48 -2.79
C TYR A 201 12.09 17.44 -2.30
N GLN A 202 12.28 17.92 -1.08
CA GLN A 202 11.23 18.63 -0.45
C GLN A 202 11.78 19.86 0.25
N GLN A 203 10.96 20.87 0.34
CA GLN A 203 11.30 22.09 1.05
C GLN A 203 10.09 22.50 1.85
N ASN A 204 10.26 22.86 3.11
CA ASN A 204 9.16 23.46 3.90
C ASN A 204 9.55 24.83 4.45
N THR A 205 8.65 25.82 4.32
CA THR A 205 8.85 27.17 4.88
C THR A 205 7.59 27.64 5.62
N PRO A 206 7.78 28.34 6.76
CA PRO A 206 6.61 28.74 7.52
C PRO A 206 5.77 29.77 6.79
N ILE A 207 4.51 29.86 7.18
CA ILE A 207 3.63 30.81 6.57
C ILE A 207 3.73 32.07 7.40
N GLY A 208 3.54 31.92 8.70
CA GLY A 208 3.47 33.06 9.62
C GLY A 208 4.80 33.65 10.08
N ASP A 209 4.70 34.52 11.08
CA ASP A 209 5.84 35.21 11.67
C ASP A 209 6.41 34.40 12.81
N GLY A 210 5.54 33.97 13.73
CA GLY A 210 5.93 33.22 14.94
C GLY A 210 7.23 32.46 14.70
N PRO A 211 8.24 32.63 15.57
CA PRO A 211 9.49 31.99 15.17
C PRO A 211 9.40 30.47 15.23
N VAL A 212 10.26 29.84 14.44
CA VAL A 212 10.25 28.40 14.28
C VAL A 212 11.55 27.74 14.76
N LEU A 213 11.44 26.47 15.12
CA LEU A 213 12.60 25.68 15.45
C LEU A 213 13.29 25.29 14.16
N LEU A 214 14.59 25.53 14.12
CA LEU A 214 15.46 25.10 13.03
C LEU A 214 16.27 23.94 13.56
N PRO A 215 15.99 22.72 13.08
CA PRO A 215 16.43 21.52 13.76
C PRO A 215 17.81 21.01 13.34
N ASP A 216 18.48 20.30 14.22
CA ASP A 216 19.59 19.46 13.81
C ASP A 216 19.14 18.36 12.83
N ASN A 217 20.09 17.88 12.03
CA ASN A 217 19.86 16.82 11.07
C ASN A 217 19.28 15.62 11.79
N HIS A 218 18.23 15.02 11.21
CA HIS A 218 17.56 13.88 11.82
C HIS A 218 16.63 13.26 10.78
N TYR A 219 15.86 12.26 11.17
CA TYR A 219 15.01 11.60 10.18
C TYR A 219 13.76 11.06 10.82
N LEU A 220 12.78 10.79 9.97
CA LEU A 220 11.53 10.22 10.37
C LEU A 220 11.48 8.84 9.74
N SER A 221 10.91 7.91 10.48
CA SER A 221 10.83 6.54 10.08
C SER A 221 9.32 6.21 10.05
N THR A 222 8.88 5.75 8.89
CA THR A 222 7.49 5.80 8.50
C THR A 222 7.02 4.39 8.28
N GLN A 223 5.72 4.19 8.41
CA GLN A 223 5.06 2.91 8.22
C GLN A 223 3.68 3.21 7.71
N SER A 224 3.22 2.49 6.69
CA SER A 224 1.88 2.81 6.13
C SER A 224 1.15 1.55 5.67
N ALA A 225 -0.14 1.46 5.96
CA ALA A 225 -1.02 0.41 5.45
C ALA A 225 -2.25 0.96 4.68
N LEU A 226 -2.45 0.45 3.48
CA LEU A 226 -3.55 0.90 2.62
C LEU A 226 -4.63 -0.17 2.64
N SER A 227 -5.88 0.27 2.59
CA SER A 227 -7.01 -0.60 2.67
C SER A 227 -8.13 0.08 1.92
N LYS A 228 -9.31 -0.53 1.93
CA LYS A 228 -10.46 0.03 1.26
C LYS A 228 -11.60 0.01 2.28
N ASP A 229 -12.61 0.81 1.99
CA ASP A 229 -13.85 0.92 2.77
C ASP A 229 -14.88 0.08 2.04
N PRO A 230 -15.42 -0.98 2.70
CA PRO A 230 -16.32 -1.89 1.94
C PRO A 230 -17.63 -1.24 1.53
N ASN A 231 -18.03 -0.16 2.21
CA ASN A 231 -19.22 0.59 1.79
C ASN A 231 -18.99 1.65 0.70
N GLU A 232 -17.79 1.73 0.14
CA GLU A 232 -17.46 2.89 -0.69
C GLU A 232 -17.31 2.45 -2.09
N LYS A 233 -18.19 2.92 -2.95
CA LYS A 233 -18.11 2.56 -4.35
C LYS A 233 -17.29 3.54 -5.15
N ARG A 234 -16.91 4.68 -4.59
CA ARG A 234 -16.02 5.58 -5.36
C ARG A 234 -14.55 5.12 -5.37
N ASP A 235 -13.76 5.60 -6.32
CA ASP A 235 -12.35 5.33 -6.28
C ASP A 235 -11.75 6.07 -5.04
N HIS A 236 -11.15 5.26 -4.14
CA HIS A 236 -10.73 5.73 -2.83
C HIS A 236 -9.55 4.94 -2.26
N MET A 237 -8.95 5.53 -1.25
CA MET A 237 -7.89 4.86 -0.45
C MET A 237 -8.11 5.12 1.03
N VAL A 238 -8.06 4.05 1.84
CA VAL A 238 -8.02 4.18 3.30
C VAL A 238 -6.56 3.99 3.70
N LEU A 239 -6.13 4.75 4.67
CA LEU A 239 -4.73 4.79 5.06
C LEU A 239 -4.58 4.79 6.56
N LEU A 240 -3.65 3.96 7.05
CA LEU A 240 -3.19 3.99 8.42
C LEU A 240 -1.69 4.18 8.38
N GLU A 241 -1.21 5.16 9.13
CA GLU A 241 0.19 5.54 9.07
C GLU A 241 0.72 5.80 10.48
N PHE A 242 1.95 5.36 10.70
CA PHE A 242 2.71 5.54 11.95
C PHE A 242 4.07 6.13 11.58
N VAL A 243 4.40 7.30 12.15
CA VAL A 243 5.68 7.97 11.87
C VAL A 243 6.28 8.45 13.18
N THR A 244 7.60 8.22 13.37
CA THR A 244 8.33 8.77 14.55
C THR A 244 9.59 9.39 14.04
N ALA A 245 9.98 10.52 14.67
CA ALA A 245 11.29 11.11 14.45
C ALA A 245 12.26 10.23 15.22
N ALA A 246 13.53 10.32 14.86
CA ALA A 246 14.58 9.44 15.37
C ALA A 246 15.91 9.91 14.82
N GLY A 247 16.99 9.32 15.35
CA GLY A 247 18.36 9.64 14.92
C GLY A 247 19.00 10.81 15.64
N ILE A 248 18.39 11.24 16.75
CA ILE A 248 19.02 12.19 17.69
C ILE A 248 19.27 11.43 19.00
N THR A 249 20.49 11.52 19.50
CA THR A 249 20.95 10.65 20.58
C THR A 249 20.48 11.03 22.01
N LEU A 250 19.87 10.03 22.67
CA LEU A 250 19.43 9.99 24.10
C LEU A 250 18.26 9.04 24.17
N LYS B 15 21.62 -1.81 20.72
CA LYS B 15 20.47 -1.04 20.15
C LYS B 15 19.23 -1.90 20.02
N VAL B 16 19.40 -3.09 19.46
CA VAL B 16 18.40 -4.14 19.51
C VAL B 16 18.16 -4.44 20.97
N GLU B 17 19.22 -4.28 21.79
CA GLU B 17 19.10 -4.41 23.23
C GLU B 17 18.19 -3.31 23.73
N MET B 18 18.54 -2.07 23.38
CA MET B 18 17.71 -0.88 23.72
C MET B 18 16.23 -0.97 23.33
N TYR B 19 15.92 -1.42 22.11
CA TYR B 19 14.50 -1.48 21.71
C TYR B 19 13.79 -2.58 22.46
N ILE B 20 14.49 -3.69 22.72
CA ILE B 20 13.85 -4.79 23.44
C ILE B 20 13.50 -4.21 24.79
N LYS B 21 14.41 -3.41 25.33
CA LYS B 21 14.19 -2.78 26.62
C LYS B 21 13.01 -1.80 26.56
N ASN B 22 13.00 -0.92 25.57
CA ASN B 22 11.88 0.01 25.37
C ASN B 22 10.52 -0.67 25.16
N LEU B 23 10.52 -1.90 24.69
CA LEU B 23 9.28 -2.68 24.65
C LEU B 23 8.59 -2.78 25.98
N GLN B 24 9.34 -2.56 27.06
CA GLN B 24 8.82 -2.66 28.43
C GLN B 24 8.39 -1.32 29.02
N ASP B 25 8.58 -0.23 28.26
CA ASP B 25 8.29 1.13 28.73
C ASP B 25 6.83 1.37 29.10
N ASP B 26 6.61 2.28 30.04
CA ASP B 26 5.26 2.62 30.52
C ASP B 26 4.43 3.18 29.36
N SER B 27 5.05 4.07 28.58
CA SER B 27 4.38 4.84 27.51
C SER B 27 4.14 3.99 26.24
N PRO B 28 2.86 3.67 25.91
CA PRO B 28 2.59 2.84 24.70
C PRO B 28 3.30 3.31 23.41
N PRO B 29 3.30 4.61 23.12
CA PRO B 29 4.09 5.05 21.95
C PRO B 29 5.53 4.52 21.93
N VAL B 30 6.19 4.52 23.08
CA VAL B 30 7.58 4.04 23.12
C VAL B 30 7.59 2.58 22.73
N ARG B 31 6.61 1.86 23.20
CA ARG B 31 6.53 0.45 22.87
C ARG B 31 6.25 0.29 21.39
N VAL B 32 5.34 1.13 20.88
CA VAL B 32 4.93 1.03 19.49
C VAL B 32 6.17 1.12 18.58
N TYR B 33 6.97 2.14 18.75
CA TYR B 33 8.10 2.31 17.84
C TYR B 33 9.29 1.42 18.14
N ALA B 34 9.40 0.93 19.38
CA ALA B 34 10.30 -0.20 19.68
C ALA B 34 9.98 -1.39 18.80
N ALA B 35 8.68 -1.72 18.72
CA ALA B 35 8.27 -2.89 17.97
C ALA B 35 8.56 -2.75 16.48
N PHE B 36 8.12 -1.62 15.91
CA PHE B 36 8.44 -1.36 14.52
C PHE B 36 9.94 -1.41 14.26
N ALA B 37 10.71 -0.70 15.05
CA ALA B 37 12.18 -0.69 14.86
C ALA B 37 12.81 -2.07 14.82
N LEU B 38 12.28 -2.96 15.66
CA LEU B 38 12.87 -4.26 15.80
C LEU B 38 12.54 -5.13 14.61
N GLY B 39 11.37 -4.92 14.01
CA GLY B 39 11.02 -5.65 12.79
C GLY B 39 11.92 -5.24 11.62
N LYS B 40 12.30 -3.96 11.63
CA LYS B 40 13.22 -3.40 10.65
C LYS B 40 14.60 -3.95 10.77
N ILE B 41 15.17 -3.92 11.96
CA ILE B 41 16.47 -4.55 12.20
C ILE B 41 16.53 -6.04 11.87
N GLY B 42 15.44 -6.77 12.03
CA GLY B 42 15.39 -8.18 11.63
C GLY B 42 16.11 -9.19 12.53
N ASP B 43 16.61 -8.75 13.69
CA ASP B 43 17.30 -9.67 14.64
C ASP B 43 16.36 -10.63 15.42
N GLU B 44 16.63 -11.93 15.31
CA GLU B 44 15.95 -13.00 16.05
C GLU B 44 15.79 -12.81 17.58
N ARG B 45 16.67 -12.08 18.23
CA ARG B 45 16.58 -11.88 19.69
C ARG B 45 15.24 -11.28 20.10
N ALA B 46 14.60 -10.55 19.20
CA ALA B 46 13.43 -9.80 19.57
C ALA B 46 12.16 -10.64 19.41
N VAL B 47 12.26 -11.83 18.85
CA VAL B 47 11.06 -12.63 18.64
C VAL B 47 10.29 -12.90 19.94
N GLU B 48 11.02 -13.27 20.99
CA GLU B 48 10.35 -13.59 22.26
C GLU B 48 9.63 -12.38 22.87
N PRO B 49 10.33 -11.24 23.04
CA PRO B 49 9.68 -10.07 23.67
C PRO B 49 8.55 -9.48 22.79
N LEU B 50 8.66 -9.65 21.49
CA LEU B 50 7.62 -9.21 20.58
C LEU B 50 6.40 -10.11 20.66
N ILE B 51 6.60 -11.40 20.88
CA ILE B 51 5.46 -12.26 21.17
C ILE B 51 4.74 -11.77 22.45
N LYS B 52 5.50 -11.28 23.41
CA LYS B 52 4.86 -10.79 24.62
C LYS B 52 3.95 -9.59 24.26
N ALA B 53 4.55 -8.63 23.56
CA ALA B 53 3.87 -7.44 23.08
C ALA B 53 2.62 -7.73 22.25
N LEU B 54 2.53 -8.89 21.60
CA LEU B 54 1.25 -9.26 20.97
C LEU B 54 0.03 -9.26 21.91
N LYS B 55 0.23 -9.19 23.22
CA LYS B 55 -0.89 -9.20 24.15
C LYS B 55 -0.93 -7.88 24.86
N ASP B 56 -0.18 -6.88 24.39
CA ASP B 56 -0.22 -5.58 25.02
C ASP B 56 -1.66 -5.11 25.03
N GLU B 57 -1.98 -4.34 26.03
CA GLU B 57 -3.33 -3.81 26.19
C GLU B 57 -3.60 -2.72 25.14
N ASP B 58 -2.53 -2.17 24.55
CA ASP B 58 -2.65 -1.15 23.52
C ASP B 58 -2.61 -1.81 22.12
N ALA B 59 -3.64 -1.49 21.33
CA ALA B 59 -3.84 -2.14 20.05
C ALA B 59 -2.78 -1.72 19.04
N SER B 60 -2.32 -0.47 19.14
CA SER B 60 -1.23 0.00 18.31
C SER B 60 0.04 -0.83 18.59
N VAL B 61 0.31 -1.13 19.86
CA VAL B 61 1.45 -1.99 20.20
C VAL B 61 1.23 -3.36 19.61
N ARG B 62 0.04 -3.92 19.78
CA ARG B 62 -0.20 -5.24 19.26
C ARG B 62 0.00 -5.25 17.74
N TYR B 63 -0.35 -4.16 17.06
CA TYR B 63 -0.28 -4.11 15.62
C TYR B 63 1.17 -4.03 15.23
N ALA B 64 1.94 -3.17 15.93
CA ALA B 64 3.37 -3.04 15.64
C ALA B 64 4.15 -4.33 15.86
N ALA B 65 3.77 -5.04 16.93
CA ALA B 65 4.41 -6.28 17.28
C ALA B 65 4.15 -7.32 16.22
N ALA B 66 2.92 -7.35 15.72
CA ALA B 66 2.57 -8.37 14.73
C ALA B 66 3.26 -8.08 13.41
N THR B 67 3.35 -6.78 13.10
CA THR B 67 3.98 -6.30 11.88
C THR B 67 5.44 -6.73 11.97
N ALA B 68 6.09 -6.42 13.07
CA ALA B 68 7.50 -6.75 13.22
C ALA B 68 7.76 -8.27 13.13
N LEU B 69 6.88 -9.08 13.68
CA LEU B 69 7.09 -10.54 13.67
C LEU B 69 7.01 -11.14 12.27
N GLY B 70 6.17 -10.55 11.44
CA GLY B 70 6.12 -10.86 10.02
C GLY B 70 7.42 -10.52 9.34
N GLN B 71 7.96 -9.32 9.62
CA GLN B 71 9.23 -8.91 9.05
C GLN B 71 10.48 -9.74 9.44
N ILE B 72 10.56 -10.12 10.71
CA ILE B 72 11.64 -10.98 11.22
C ILE B 72 11.64 -12.35 10.53
N GLY B 73 10.48 -12.84 10.14
CA GLY B 73 10.37 -14.11 9.45
C GLY B 73 10.56 -15.37 10.28
N ASP B 74 10.46 -15.31 11.60
CA ASP B 74 10.82 -16.49 12.44
C ASP B 74 9.58 -17.33 12.79
N GLU B 75 9.65 -18.61 12.45
CA GLU B 75 8.56 -19.57 12.71
C GLU B 75 8.14 -19.76 14.18
N ARG B 76 8.91 -19.28 15.14
CA ARG B 76 8.45 -19.35 16.53
C ARG B 76 7.27 -18.41 16.84
N ALA B 77 7.01 -17.46 15.94
CA ALA B 77 5.91 -16.54 16.12
C ALA B 77 4.61 -17.05 15.53
N VAL B 78 4.62 -18.24 14.96
CA VAL B 78 3.48 -18.69 14.18
C VAL B 78 2.22 -18.94 15.01
N GLU B 79 2.33 -19.65 16.13
CA GLU B 79 1.15 -19.88 16.97
C GLU B 79 0.74 -18.61 17.64
N PRO B 80 1.70 -17.82 18.16
CA PRO B 80 1.20 -16.53 18.70
C PRO B 80 0.41 -15.66 17.69
N LEU B 81 0.86 -15.62 16.44
CA LEU B 81 0.16 -14.89 15.40
C LEU B 81 -1.17 -15.54 14.95
N ILE B 82 -1.23 -16.86 14.86
CA ILE B 82 -2.50 -17.54 14.58
C ILE B 82 -3.59 -17.09 15.58
N LYS B 83 -3.16 -16.86 16.80
CA LYS B 83 -4.01 -16.43 17.87
C LYS B 83 -4.46 -14.97 17.66
N ALA B 84 -3.54 -14.12 17.17
CA ALA B 84 -3.86 -12.72 16.90
C ALA B 84 -4.84 -12.60 15.76
N LEU B 85 -5.02 -13.68 14.99
CA LEU B 85 -6.11 -13.75 14.06
C LEU B 85 -7.45 -13.56 14.70
N LYS B 86 -7.52 -13.64 16.04
CA LYS B 86 -8.78 -13.47 16.75
C LYS B 86 -8.88 -12.15 17.49
N ASP B 87 -7.88 -11.31 17.40
CA ASP B 87 -7.89 -10.03 18.05
C ASP B 87 -9.18 -9.25 17.74
N GLU B 88 -9.62 -8.45 18.71
CA GLU B 88 -10.81 -7.64 18.49
C GLU B 88 -10.56 -6.54 17.45
N ASP B 89 -9.33 -6.03 17.40
CA ASP B 89 -8.93 -5.03 16.41
C ASP B 89 -8.65 -5.65 15.01
N GLY B 90 -9.37 -5.12 14.01
CA GLY B 90 -9.24 -5.52 12.63
C GLY B 90 -7.90 -5.20 11.97
N TYR B 91 -7.26 -4.13 12.39
CA TYR B 91 -5.90 -3.83 11.94
C TYR B 91 -4.88 -4.84 12.48
N VAL B 92 -5.00 -5.17 13.76
CA VAL B 92 -4.17 -6.23 14.35
C VAL B 92 -4.37 -7.56 13.62
N ARG B 93 -5.61 -7.87 13.30
CA ARG B 93 -5.93 -9.12 12.65
C ARG B 93 -5.39 -9.15 11.22
N THR B 94 -5.47 -7.98 10.57
CA THR B 94 -4.84 -7.76 9.28
C THR B 94 -3.32 -7.95 9.37
N ALA B 95 -2.67 -7.33 10.34
CA ALA B 95 -1.23 -7.50 10.41
C ALA B 95 -0.85 -8.93 10.75
N ALA B 96 -1.73 -9.64 11.45
CA ALA B 96 -1.45 -11.02 11.80
C ALA B 96 -1.52 -11.87 10.57
N ALA B 97 -2.54 -11.67 9.76
CA ALA B 97 -2.62 -12.49 8.57
C ALA B 97 -1.42 -12.19 7.66
N GLU B 98 -1.05 -10.92 7.52
CA GLU B 98 0.02 -10.58 6.56
C GLU B 98 1.31 -11.18 7.06
N ALA B 99 1.61 -10.97 8.33
CA ALA B 99 2.72 -11.63 8.99
C ALA B 99 2.83 -13.15 8.74
N LEU B 100 1.74 -13.90 8.71
CA LEU B 100 1.79 -15.35 8.53
C LEU B 100 2.05 -15.73 7.08
N GLY B 101 1.50 -14.96 6.15
CA GLY B 101 1.87 -15.07 4.75
C GLY B 101 3.37 -14.89 4.54
N GLN B 102 3.96 -13.88 5.19
CA GLN B 102 5.37 -13.55 5.01
C GLN B 102 6.24 -14.64 5.61
N ILE B 103 5.86 -15.17 6.78
CA ILE B 103 6.63 -16.21 7.41
C ILE B 103 6.52 -17.47 6.58
N GLY B 104 5.36 -17.75 6.03
CA GLY B 104 5.24 -18.87 5.10
C GLY B 104 5.10 -20.24 5.74
N ASP B 105 4.97 -20.30 7.06
CA ASP B 105 4.85 -21.56 7.76
C ASP B 105 3.48 -22.18 7.48
N GLU B 106 3.50 -23.43 7.06
CA GLU B 106 2.31 -24.15 6.62
C GLU B 106 1.25 -24.31 7.77
N ARG B 107 1.68 -24.16 9.02
CA ARG B 107 0.78 -24.29 10.15
C ARG B 107 -0.32 -23.19 10.16
N ALA B 108 -0.04 -22.09 9.45
CA ALA B 108 -0.94 -20.98 9.34
C ALA B 108 -2.09 -21.27 8.39
N VAL B 109 -1.97 -22.30 7.56
CA VAL B 109 -2.96 -22.50 6.48
C VAL B 109 -4.42 -22.65 6.94
N GLU B 110 -4.69 -23.54 7.91
CA GLU B 110 -6.09 -23.75 8.29
C GLU B 110 -6.65 -22.56 9.09
N PRO B 111 -5.87 -21.99 10.00
CA PRO B 111 -6.38 -20.75 10.63
C PRO B 111 -6.64 -19.58 9.64
N LEU B 112 -5.82 -19.43 8.59
CA LEU B 112 -6.11 -18.38 7.57
C LEU B 112 -7.28 -18.76 6.71
N ILE B 113 -7.45 -20.07 6.48
CA ILE B 113 -8.65 -20.54 5.77
C ILE B 113 -9.91 -20.07 6.48
N LYS B 114 -9.91 -20.19 7.78
CA LYS B 114 -11.01 -19.72 8.63
C LYS B 114 -11.23 -18.21 8.50
N ALA B 115 -10.11 -17.48 8.48
CA ALA B 115 -10.16 -16.01 8.41
C ALA B 115 -10.76 -15.54 7.10
N LEU B 116 -10.81 -16.40 6.10
CA LEU B 116 -11.60 -16.11 4.91
C LEU B 116 -13.07 -15.81 5.19
N LYS B 117 -13.53 -16.08 6.42
CA LYS B 117 -14.92 -15.82 6.81
C LYS B 117 -15.04 -14.71 7.84
N ASP B 118 -13.94 -13.98 8.06
CA ASP B 118 -13.92 -12.85 8.98
C ASP B 118 -14.97 -11.83 8.54
N GLU B 119 -15.48 -11.05 9.50
CA GLU B 119 -16.49 -10.02 9.25
C GLU B 119 -15.91 -8.84 8.47
N ASP B 120 -14.63 -8.57 8.69
CA ASP B 120 -13.97 -7.45 8.07
C ASP B 120 -13.44 -7.90 6.71
N PRO B 121 -14.00 -7.37 5.62
CA PRO B 121 -13.54 -7.87 4.31
C PRO B 121 -12.04 -7.66 4.03
N TRP B 122 -11.38 -6.70 4.69
CA TRP B 122 -9.95 -6.47 4.44
C TRP B 122 -9.17 -7.56 5.12
N VAL B 123 -9.72 -8.09 6.21
CA VAL B 123 -9.17 -9.24 6.85
C VAL B 123 -9.32 -10.49 5.99
N ARG B 124 -10.48 -10.65 5.37
CA ARG B 124 -10.65 -11.73 4.42
C ARG B 124 -9.64 -11.60 3.28
N LEU B 125 -9.48 -10.39 2.80
CA LEU B 125 -8.58 -10.14 1.66
C LEU B 125 -7.16 -10.49 2.02
N THR B 126 -6.76 -10.09 3.20
CA THR B 126 -5.39 -10.28 3.61
C THR B 126 -5.10 -11.76 3.81
N ALA B 127 -6.09 -12.50 4.32
CA ALA B 127 -5.95 -13.94 4.49
C ALA B 127 -5.81 -14.66 3.15
N ALA B 128 -6.65 -14.29 2.19
CA ALA B 128 -6.50 -14.80 0.84
C ALA B 128 -5.15 -14.46 0.24
N ARG B 129 -4.67 -13.23 0.39
CA ARG B 129 -3.29 -12.93 -0.05
C ARG B 129 -2.31 -13.87 0.61
N ALA B 130 -2.39 -13.94 1.93
CA ALA B 130 -1.45 -14.77 2.66
C ALA B 130 -1.51 -16.24 2.21
N LEU B 131 -2.68 -16.71 1.79
CA LEU B 131 -2.80 -18.10 1.34
C LEU B 131 -2.16 -18.32 0.00
N GLY B 132 -2.25 -17.35 -0.92
CA GLY B 132 -1.45 -17.43 -2.13
C GLY B 132 0.05 -17.41 -1.88
N GLU B 133 0.50 -16.61 -0.93
CA GLU B 133 1.91 -16.49 -0.64
C GLU B 133 2.48 -17.79 -0.09
N ILE B 134 1.73 -18.46 0.77
CA ILE B 134 2.15 -19.75 1.30
C ILE B 134 2.28 -20.75 0.13
N GLY B 135 1.32 -20.73 -0.77
CA GLY B 135 1.32 -21.64 -1.86
C GLY B 135 0.77 -23.03 -1.52
N ASP B 136 0.20 -23.21 -0.34
CA ASP B 136 -0.31 -24.53 0.04
C ASP B 136 -1.61 -24.90 -0.65
N GLU B 137 -1.64 -26.15 -1.15
CA GLU B 137 -2.77 -26.69 -1.93
C GLU B 137 -4.10 -26.63 -1.20
N ARG B 138 -4.07 -26.73 0.11
CA ARG B 138 -5.30 -26.75 0.90
C ARG B 138 -6.18 -25.52 0.77
N ALA B 139 -5.59 -24.41 0.33
CA ALA B 139 -6.32 -23.15 0.20
C ALA B 139 -7.17 -23.13 -1.06
N VAL B 140 -6.96 -24.05 -1.97
CA VAL B 140 -7.51 -23.92 -3.31
C VAL B 140 -9.02 -23.84 -3.32
N GLU B 141 -9.66 -24.75 -2.62
CA GLU B 141 -11.12 -24.76 -2.54
C GLU B 141 -11.77 -23.61 -1.78
N PRO B 142 -11.33 -23.34 -0.57
CA PRO B 142 -11.84 -22.13 0.06
C PRO B 142 -11.58 -20.85 -0.79
N LEU B 143 -10.44 -20.77 -1.48
CA LEU B 143 -10.14 -19.58 -2.29
C LEU B 143 -11.09 -19.55 -3.46
N ILE B 144 -11.42 -20.72 -4.00
CA ILE B 144 -12.40 -20.78 -5.05
C ILE B 144 -13.76 -20.25 -4.58
N LYS B 145 -14.11 -20.49 -3.34
CA LYS B 145 -15.34 -19.94 -2.80
C LYS B 145 -15.24 -18.43 -2.64
N ALA B 146 -14.10 -17.98 -2.12
CA ALA B 146 -13.86 -16.52 -1.99
C ALA B 146 -13.99 -15.78 -3.34
N LEU B 147 -13.85 -16.46 -4.48
CA LEU B 147 -14.21 -15.84 -5.75
C LEU B 147 -15.66 -15.37 -5.81
N LYS B 148 -16.52 -15.77 -4.89
CA LYS B 148 -17.90 -15.32 -4.97
C LYS B 148 -18.22 -14.39 -3.81
N ASP B 149 -17.19 -14.00 -3.07
CA ASP B 149 -17.34 -13.04 -1.99
C ASP B 149 -18.07 -11.83 -2.50
N GLU B 150 -18.83 -11.21 -1.63
CA GLU B 150 -19.56 -10.02 -1.95
C GLU B 150 -18.57 -8.89 -2.36
N ASP B 151 -17.43 -8.84 -1.69
CA ASP B 151 -16.51 -7.69 -1.85
C ASP B 151 -15.62 -7.88 -3.07
N PRO B 152 -15.60 -6.90 -3.99
CA PRO B 152 -14.78 -7.17 -5.16
C PRO B 152 -13.26 -7.24 -4.90
N TRP B 153 -12.78 -6.61 -3.82
CA TRP B 153 -11.35 -6.64 -3.49
C TRP B 153 -10.90 -8.04 -3.07
N VAL B 154 -11.70 -8.66 -2.23
CA VAL B 154 -11.55 -10.07 -1.89
C VAL B 154 -11.58 -10.97 -3.11
N ARG B 155 -12.54 -10.78 -3.99
CA ARG B 155 -12.66 -11.66 -5.17
C ARG B 155 -11.39 -11.59 -6.05
N LEU B 156 -10.96 -10.36 -6.26
CA LEU B 156 -9.73 -10.05 -6.98
C LEU B 156 -8.50 -10.75 -6.36
N THR B 157 -8.45 -10.71 -5.04
CA THR B 157 -7.26 -11.15 -4.37
C THR B 157 -7.27 -12.67 -4.34
N ALA B 158 -8.47 -13.26 -4.19
CA ALA B 158 -8.67 -14.72 -4.28
C ALA B 158 -8.23 -15.19 -5.66
N ALA B 159 -8.65 -14.50 -6.71
CA ALA B 159 -8.20 -14.85 -8.06
C ALA B 159 -6.69 -14.82 -8.20
N ARG B 160 -6.08 -13.78 -7.63
CA ARG B 160 -4.65 -13.63 -7.81
C ARG B 160 -3.97 -14.72 -6.98
N ALA B 161 -4.49 -15.03 -5.80
CA ALA B 161 -3.91 -16.12 -5.02
C ALA B 161 -4.01 -17.51 -5.73
N LEU B 162 -5.13 -17.81 -6.38
CA LEU B 162 -5.26 -19.08 -7.09
C LEU B 162 -4.26 -19.12 -8.22
N GLY B 163 -4.04 -17.99 -8.88
CA GLY B 163 -3.04 -17.93 -9.91
C GLY B 163 -1.64 -18.30 -9.40
N GLN B 164 -1.28 -17.78 -8.24
CA GLN B 164 0.01 -18.07 -7.65
C GLN B 164 0.09 -19.53 -7.17
N ILE B 165 -0.95 -20.06 -6.53
CA ILE B 165 -0.97 -21.50 -6.19
C ILE B 165 -0.86 -22.37 -7.44
N GLY B 166 -1.49 -22.00 -8.52
CA GLY B 166 -1.21 -22.70 -9.78
C GLY B 166 -1.96 -24.01 -9.93
N ASP B 167 -2.90 -24.29 -9.04
CA ASP B 167 -3.68 -25.53 -9.08
C ASP B 167 -4.75 -25.52 -10.17
N GLU B 168 -4.77 -26.59 -10.94
CA GLU B 168 -5.68 -26.79 -12.07
C GLU B 168 -7.18 -26.69 -11.69
N ARG B 169 -7.56 -26.98 -10.45
CA ARG B 169 -8.98 -26.84 -10.06
C ARG B 169 -9.59 -25.44 -10.23
N ALA B 170 -8.77 -24.41 -10.12
CA ALA B 170 -9.25 -23.04 -10.28
C ALA B 170 -9.50 -22.62 -11.70
N VAL B 171 -9.19 -23.45 -12.70
CA VAL B 171 -9.22 -22.96 -14.08
C VAL B 171 -10.65 -22.60 -14.49
N GLU B 172 -11.61 -23.49 -14.24
CA GLU B 172 -12.99 -23.24 -14.64
C GLU B 172 -13.62 -22.11 -13.83
N PRO B 173 -13.52 -22.12 -12.49
CA PRO B 173 -13.99 -20.94 -11.74
C PRO B 173 -13.40 -19.59 -12.22
N LEU B 174 -12.11 -19.59 -12.58
CA LEU B 174 -11.47 -18.37 -13.08
C LEU B 174 -12.00 -17.93 -14.44
N ILE B 175 -12.36 -18.91 -15.27
CA ILE B 175 -12.95 -18.60 -16.55
C ILE B 175 -14.22 -17.81 -16.30
N LYS B 176 -14.98 -18.20 -15.27
CA LYS B 176 -16.22 -17.56 -14.91
C LYS B 176 -15.97 -16.14 -14.41
N ALA B 177 -15.05 -15.99 -13.47
CA ALA B 177 -14.60 -14.67 -12.97
C ALA B 177 -14.21 -13.68 -14.05
N LEU B 178 -13.81 -14.21 -15.19
CA LEU B 178 -13.48 -13.43 -16.36
C LEU B 178 -14.70 -12.68 -16.88
N LYS B 179 -15.86 -12.97 -16.31
CA LYS B 179 -17.09 -12.27 -16.66
C LYS B 179 -17.64 -11.51 -15.50
N ASP B 180 -16.89 -11.41 -14.41
CA ASP B 180 -17.33 -10.77 -13.19
C ASP B 180 -17.73 -9.36 -13.54
N GLU B 181 -18.64 -8.76 -12.75
CA GLU B 181 -19.12 -7.40 -13.05
C GLU B 181 -18.00 -6.32 -12.91
N ASP B 182 -17.05 -6.55 -12.02
CA ASP B 182 -15.93 -5.61 -11.74
C ASP B 182 -14.70 -5.84 -12.65
N ALA B 183 -14.30 -4.82 -13.42
CA ALA B 183 -13.13 -4.91 -14.27
C ALA B 183 -11.85 -5.49 -13.57
N SER B 184 -11.69 -5.14 -12.28
CA SER B 184 -10.50 -5.51 -11.52
C SER B 184 -10.47 -7.01 -11.21
N VAL B 185 -11.63 -7.60 -10.96
CA VAL B 185 -11.71 -9.04 -10.80
C VAL B 185 -11.43 -9.67 -12.16
N ARG B 186 -12.05 -9.19 -13.22
CA ARG B 186 -11.81 -9.79 -14.54
C ARG B 186 -10.32 -9.75 -14.87
N LYS B 187 -9.68 -8.64 -14.52
CA LYS B 187 -8.27 -8.44 -14.79
C LYS B 187 -7.39 -9.43 -14.01
N ALA B 188 -7.61 -9.54 -12.71
CA ALA B 188 -6.90 -10.53 -11.92
C ALA B 188 -7.24 -11.98 -12.38
N ALA B 189 -8.44 -12.22 -12.91
CA ALA B 189 -8.78 -13.58 -13.35
C ALA B 189 -7.97 -13.88 -14.58
N ALA B 190 -7.74 -12.89 -15.41
CA ALA B 190 -6.97 -13.13 -16.60
C ALA B 190 -5.48 -13.38 -16.36
N VAL B 191 -4.88 -12.63 -15.46
CA VAL B 191 -3.45 -12.84 -15.05
C VAL B 191 -3.33 -14.25 -14.48
N ALA B 192 -4.22 -14.59 -13.57
CA ALA B 192 -4.21 -15.93 -12.94
C ALA B 192 -4.30 -17.06 -13.98
N LEU B 193 -5.12 -16.91 -15.01
CA LEU B 193 -5.23 -17.93 -16.01
C LEU B 193 -3.93 -18.08 -16.77
N GLY B 194 -3.26 -16.96 -17.00
CA GLY B 194 -1.99 -16.97 -17.66
C GLY B 194 -0.95 -17.70 -16.82
N GLN B 195 -0.95 -17.43 -15.52
CA GLN B 195 -0.04 -18.01 -14.57
C GLN B 195 -0.24 -19.53 -14.45
N ILE B 196 -1.47 -19.98 -14.45
CA ILE B 196 -1.74 -21.40 -14.34
C ILE B 196 -1.35 -22.14 -15.61
N GLY B 197 -1.53 -21.50 -16.76
CA GLY B 197 -1.07 -22.06 -18.03
C GLY B 197 -1.95 -23.16 -18.63
N ASP B 198 -3.10 -23.43 -18.02
CA ASP B 198 -4.01 -24.46 -18.55
C ASP B 198 -4.73 -23.98 -19.83
N GLU B 199 -4.66 -24.80 -20.86
CA GLU B 199 -5.11 -24.40 -22.20
C GLU B 199 -6.62 -24.23 -22.39
N ARG B 200 -7.43 -24.67 -21.42
CA ARG B 200 -8.85 -24.37 -21.43
C ARG B 200 -9.05 -22.85 -21.45
N ALA B 201 -8.10 -22.11 -20.91
CA ALA B 201 -8.24 -20.63 -20.84
C ALA B 201 -8.11 -19.93 -22.18
N VAL B 202 -7.65 -20.63 -23.23
CA VAL B 202 -7.35 -19.92 -24.49
C VAL B 202 -8.55 -19.19 -25.11
N GLU B 203 -9.62 -19.92 -25.40
CA GLU B 203 -10.81 -19.30 -25.99
C GLU B 203 -11.46 -18.26 -25.10
N PRO B 204 -11.65 -18.56 -23.84
CA PRO B 204 -12.15 -17.50 -22.99
C PRO B 204 -11.24 -16.23 -23.03
N LEU B 205 -9.94 -16.45 -23.06
CA LEU B 205 -9.01 -15.33 -23.04
C LEU B 205 -9.09 -14.55 -24.32
N ILE B 206 -9.23 -15.27 -25.42
CA ILE B 206 -9.43 -14.63 -26.71
C ILE B 206 -10.66 -13.73 -26.66
N LYS B 207 -11.73 -14.17 -25.97
CA LYS B 207 -12.92 -13.32 -25.83
C LYS B 207 -12.61 -12.10 -25.00
N ALA B 208 -11.81 -12.25 -23.95
CA ALA B 208 -11.51 -11.13 -23.06
C ALA B 208 -10.66 -10.09 -23.78
N LEU B 209 -10.10 -10.44 -24.92
CA LEU B 209 -9.51 -9.45 -25.74
C LEU B 209 -10.57 -8.47 -26.26
N LYS B 210 -11.84 -8.79 -26.07
CA LYS B 210 -12.93 -7.95 -26.54
C LYS B 210 -13.42 -7.14 -25.37
N ASP B 211 -12.86 -7.34 -24.20
CA ASP B 211 -13.44 -6.72 -23.01
C ASP B 211 -13.38 -5.20 -23.19
N GLU B 212 -14.28 -4.51 -22.51
CA GLU B 212 -14.36 -3.03 -22.61
C GLU B 212 -13.19 -2.40 -21.92
N ASP B 213 -12.70 -3.04 -20.88
CA ASP B 213 -11.66 -2.42 -20.10
C ASP B 213 -10.32 -2.67 -20.75
N GLU B 214 -9.56 -1.60 -21.01
CA GLU B 214 -8.24 -1.76 -21.64
C GLU B 214 -7.23 -2.62 -20.88
N TYR B 215 -7.30 -2.60 -19.56
CA TYR B 215 -6.29 -3.33 -18.77
C TYR B 215 -6.67 -4.81 -18.77
N VAL B 216 -7.96 -5.13 -18.66
CA VAL B 216 -8.41 -6.54 -18.88
C VAL B 216 -7.86 -7.02 -20.22
N ARG B 217 -8.09 -6.24 -21.25
CA ARG B 217 -7.61 -6.56 -22.56
C ARG B 217 -6.14 -6.89 -22.62
N GLN B 218 -5.29 -6.02 -22.07
CA GLN B 218 -3.81 -6.19 -22.12
C GLN B 218 -3.36 -7.43 -21.33
N ARG B 219 -3.94 -7.63 -20.16
CA ARG B 219 -3.57 -8.82 -19.36
C ARG B 219 -3.99 -10.15 -20.03
N ALA B 220 -5.13 -10.14 -20.72
CA ALA B 220 -5.60 -11.35 -21.44
C ALA B 220 -4.64 -11.57 -22.59
N ALA B 221 -4.17 -10.49 -23.17
CA ALA B 221 -3.14 -10.64 -24.18
C ALA B 221 -1.82 -11.28 -23.68
N SER B 222 -1.33 -10.88 -22.50
CA SER B 222 -0.05 -11.43 -22.02
C SER B 222 -0.29 -12.81 -21.42
N ALA B 223 -1.46 -13.03 -20.84
CA ALA B 223 -1.86 -14.38 -20.42
C ALA B 223 -1.76 -15.33 -21.60
N LEU B 224 -2.18 -14.91 -22.76
CA LEU B 224 -2.13 -15.82 -23.91
C LEU B 224 -0.68 -16.04 -24.34
N GLY B 225 0.10 -14.96 -24.35
CA GLY B 225 1.54 -15.10 -24.56
C GLY B 225 2.21 -16.13 -23.62
N LYS B 226 1.80 -16.15 -22.37
CA LYS B 226 2.36 -17.08 -21.41
C LYS B 226 1.88 -18.51 -21.66
N ILE B 227 0.62 -18.69 -21.97
CA ILE B 227 0.16 -20.02 -22.29
C ILE B 227 0.86 -20.56 -23.54
N GLY B 228 0.99 -19.79 -24.59
CA GLY B 228 1.71 -20.28 -25.78
C GLY B 228 1.23 -21.63 -26.32
N GLY B 229 2.11 -22.28 -27.09
CA GLY B 229 1.82 -23.60 -27.64
C GLY B 229 0.94 -23.53 -28.86
N GLU B 230 0.59 -24.70 -29.36
CA GLU B 230 -0.04 -24.84 -30.67
C GLU B 230 -1.42 -24.27 -30.63
N ARG B 231 -2.11 -24.43 -29.50
CA ARG B 231 -3.45 -23.96 -29.37
C ARG B 231 -3.54 -22.43 -29.49
N VAL B 232 -2.67 -21.71 -28.78
CA VAL B 232 -2.61 -20.25 -28.92
C VAL B 232 -2.22 -19.92 -30.34
N ARG B 233 -1.19 -20.58 -30.87
CA ARG B 233 -0.76 -20.28 -32.23
C ARG B 233 -1.93 -20.37 -33.21
N ALA B 234 -2.69 -21.46 -33.20
CA ALA B 234 -3.79 -21.60 -34.15
C ALA B 234 -4.94 -20.56 -33.89
N ALA B 235 -5.25 -20.29 -32.61
CA ALA B 235 -6.28 -19.31 -32.32
C ALA B 235 -5.86 -17.94 -32.85
N MET B 236 -4.55 -17.69 -32.93
CA MET B 236 -4.08 -16.39 -33.40
C MET B 236 -4.06 -16.29 -34.93
N GLU B 237 -3.76 -17.38 -35.63
CA GLU B 237 -3.93 -17.43 -37.08
C GLU B 237 -5.39 -17.16 -37.47
N LYS B 238 -6.30 -17.66 -36.68
CA LYS B 238 -7.69 -17.47 -36.98
C LYS B 238 -7.99 -16.04 -36.59
N LEU B 239 -7.69 -15.63 -35.36
CA LEU B 239 -7.94 -14.23 -34.94
C LEU B 239 -7.33 -13.18 -35.85
N ALA B 240 -6.19 -13.47 -36.50
CA ALA B 240 -5.62 -12.46 -37.40
C ALA B 240 -6.44 -12.35 -38.69
N GLU B 241 -7.38 -13.28 -38.91
CA GLU B 241 -8.34 -13.18 -40.01
C GLU B 241 -9.71 -12.62 -39.70
N PRO B 242 -10.41 -13.07 -38.64
CA PRO B 242 -11.71 -12.58 -38.43
C PRO B 242 -11.79 -11.74 -37.20
N ALA B 243 -10.68 -11.30 -36.63
CA ALA B 243 -10.82 -10.44 -35.49
C ALA B 243 -10.77 -8.99 -35.95
N PRO B 244 -11.15 -8.07 -35.05
CA PRO B 244 -10.98 -6.66 -35.30
C PRO B 244 -10.35 -6.00 -34.06
N GLY B 245 -9.94 -4.75 -34.21
CA GLY B 245 -9.41 -3.93 -33.13
C GLY B 245 -8.18 -4.45 -32.44
N PHE B 246 -8.16 -4.30 -31.12
CA PHE B 246 -7.01 -4.76 -30.31
C PHE B 246 -6.74 -6.25 -30.56
N ALA B 247 -7.79 -7.01 -30.48
CA ALA B 247 -7.72 -8.46 -30.66
C ALA B 247 -6.94 -8.85 -31.93
N ARG B 248 -7.16 -8.13 -33.02
CA ARG B 248 -6.47 -8.42 -34.27
C ARG B 248 -5.02 -8.04 -34.25
N LYS B 249 -4.72 -6.90 -33.64
CA LYS B 249 -3.33 -6.49 -33.46
C LYS B 249 -2.53 -7.48 -32.57
N VAL B 250 -3.15 -7.90 -31.48
CA VAL B 250 -2.56 -8.91 -30.61
C VAL B 250 -2.12 -10.07 -31.47
N ALA B 251 -3.03 -10.57 -32.31
CA ALA B 251 -2.73 -11.75 -33.12
C ALA B 251 -1.69 -11.49 -34.17
N VAL B 252 -1.82 -10.40 -34.94
CA VAL B 252 -0.78 -10.18 -35.94
C VAL B 252 0.57 -10.02 -35.24
N ASN B 253 0.59 -9.31 -34.11
CA ASN B 253 1.83 -9.16 -33.34
C ASN B 253 2.41 -10.51 -32.91
N TYR B 254 1.53 -11.42 -32.45
CA TYR B 254 1.94 -12.73 -31.94
C TYR B 254 2.53 -13.57 -33.05
N LEU B 255 1.84 -13.63 -34.17
CA LEU B 255 2.32 -14.37 -35.31
C LEU B 255 3.65 -13.87 -35.82
N GLU B 256 3.89 -12.56 -35.68
CA GLU B 256 5.18 -11.99 -36.04
C GLU B 256 6.26 -12.56 -35.10
N THR B 257 6.25 -12.10 -33.83
CA THR B 257 7.27 -12.47 -32.86
C THR B 257 7.46 -13.98 -32.73
N HIS B 258 6.35 -14.74 -32.70
CA HIS B 258 6.41 -16.21 -32.56
C HIS B 258 6.42 -16.91 -33.92
N LYS B 259 7.60 -16.99 -34.52
CA LYS B 259 7.82 -17.70 -35.79
C LYS B 259 7.16 -16.94 -36.91
#